data_3EGO
#
_entry.id   3EGO
#
_cell.length_a   160.860
_cell.length_b   43.658
_cell.length_c   83.757
_cell.angle_alpha   90.000
_cell.angle_beta   98.260
_cell.angle_gamma   90.000
#
_symmetry.space_group_name_H-M   'C 1 2 1'
#
loop_
_entity.id
_entity.type
_entity.pdbx_description
1 polymer 'Probable 2-dehydropantoate 2-reductase'
2 water water
#
_entity_poly.entity_id   1
_entity_poly.type   'polypeptide(L)'
_entity_poly.pdbx_seq_one_letter_code
;MSLKIGIIGGGSVGLLCAYYLSLYHDVTVVTRRQEQAAAIQSEGIRLYKGGEEFRADCSADTSINSDFDLLVVTVKQHQL
QSVFSSLERIGKTNILFLQNGMGHIHDLKDWHVGHSIYVGIVEHGAVRKSDTAVDHTGLGAIKWSAFDDAEPDRLNILFQ
HNHSDFPIYYETDWYRLLTGKLIVNACINPLTALLQVKNGELLTTPAYLAFMKLVFQEACRILKLENEEKAWERVQAVCG
QTKENRSSMLVDVIGGRQTEADAIIGYLLKEASLQGLDAVHLEFLYGSIKALERNTNKVEGHHHHHH
;
_entity_poly.pdbx_strand_id   A,B
#
# COMPACT_ATOMS: atom_id res chain seq x y z
N SER A 2 -19.30 -22.40 22.20
CA SER A 2 -20.39 -21.70 21.43
C SER A 2 -20.53 -22.26 20.01
N LEU A 3 -21.23 -21.53 19.14
CA LEU A 3 -21.27 -21.86 17.73
C LEU A 3 -19.95 -21.43 17.08
N LYS A 4 -19.56 -22.10 16.00
CA LYS A 4 -18.30 -21.80 15.33
C LYS A 4 -18.53 -21.09 13.98
N ILE A 5 -17.93 -19.93 13.80
CA ILE A 5 -18.03 -19.23 12.52
C ILE A 5 -16.65 -19.06 11.88
N GLY A 6 -16.49 -19.47 10.64
CA GLY A 6 -15.27 -19.13 9.91
C GLY A 6 -15.46 -17.97 8.98
N ILE A 7 -14.58 -16.98 9.08
CA ILE A 7 -14.63 -15.83 8.18
C ILE A 7 -13.59 -16.12 7.09
N ILE A 8 -14.00 -16.24 5.84
CA ILE A 8 -13.04 -16.51 4.76
C ILE A 8 -12.61 -15.17 4.19
N GLY A 9 -11.36 -14.81 4.45
CA GLY A 9 -10.85 -13.50 4.00
C GLY A 9 -10.44 -12.62 5.15
N GLY A 10 -9.23 -12.06 5.08
CA GLY A 10 -8.75 -11.21 6.15
C GLY A 10 -8.59 -9.75 5.75
N GLY A 11 -9.38 -9.30 4.78
CA GLY A 11 -9.47 -7.90 4.33
C GLY A 11 -10.31 -7.12 5.33
N SER A 12 -10.63 -5.88 5.00
CA SER A 12 -11.45 -4.98 5.83
C SER A 12 -12.73 -5.61 6.34
N VAL A 13 -13.50 -6.14 5.42
CA VAL A 13 -14.81 -6.75 5.82
C VAL A 13 -14.62 -7.98 6.68
N GLY A 14 -13.69 -8.86 6.31
CA GLY A 14 -13.42 -10.03 7.14
C GLY A 14 -13.06 -9.70 8.58
N LEU A 15 -12.14 -8.75 8.76
CA LEU A 15 -11.74 -8.41 10.12
C LEU A 15 -12.88 -7.79 10.89
N LEU A 16 -13.67 -6.95 10.22
CA LEU A 16 -14.83 -6.29 10.85
C LEU A 16 -15.83 -7.34 11.32
N CYS A 17 -16.16 -8.32 10.44
CA CYS A 17 -17.09 -9.36 10.83
C CYS A 17 -16.51 -10.22 11.95
N ALA A 18 -15.21 -10.51 11.87
CA ALA A 18 -14.59 -11.37 12.89
C ALA A 18 -14.66 -10.68 14.25
N TYR A 19 -14.37 -9.38 14.32
CA TYR A 19 -14.45 -8.71 15.59
C TYR A 19 -15.87 -8.82 16.22
N TYR A 20 -16.86 -8.47 15.43
CA TYR A 20 -18.16 -8.33 16.01
C TYR A 20 -18.80 -9.68 16.27
N LEU A 21 -18.56 -10.67 15.41
CA LEU A 21 -19.17 -12.00 15.62
C LEU A 21 -18.46 -12.75 16.78
N SER A 22 -17.18 -12.44 16.98
CA SER A 22 -16.43 -12.98 18.13
C SER A 22 -17.05 -12.60 19.48
N LEU A 23 -17.85 -11.54 19.52
CA LEU A 23 -18.52 -11.14 20.76
C LEU A 23 -19.56 -12.14 21.22
N TYR A 24 -19.99 -13.02 20.31
CA TYR A 24 -21.07 -13.94 20.56
C TYR A 24 -20.71 -15.36 20.22
N HIS A 25 -19.68 -15.54 19.40
CA HIS A 25 -19.39 -16.86 18.90
C HIS A 25 -17.90 -17.15 18.85
N ASP A 26 -17.54 -18.41 18.58
CA ASP A 26 -16.17 -18.79 18.28
C ASP A 26 -15.75 -18.56 16.81
N VAL A 27 -14.86 -17.60 16.60
CA VAL A 27 -14.49 -17.19 15.24
C VAL A 27 -13.06 -17.59 14.88
N THR A 28 -12.91 -18.06 13.65
CA THR A 28 -11.63 -18.22 13.01
C THR A 28 -11.62 -17.43 11.72
N VAL A 29 -10.55 -16.65 11.52
CA VAL A 29 -10.31 -16.00 10.23
C VAL A 29 -9.43 -16.90 9.40
N VAL A 30 -9.92 -17.26 8.21
CA VAL A 30 -9.16 -18.09 7.29
C VAL A 30 -8.55 -17.13 6.27
N THR A 31 -7.24 -16.94 6.39
CA THR A 31 -6.48 -15.97 5.61
C THR A 31 -5.60 -16.74 4.63
N ARG A 32 -5.32 -16.19 3.46
CA ARG A 32 -4.42 -16.90 2.54
C ARG A 32 -2.96 -16.83 2.99
N ARG A 33 -2.56 -15.77 3.71
CA ARG A 33 -1.17 -15.64 4.21
C ARG A 33 -0.94 -16.10 5.67
N GLN A 34 -0.06 -17.09 5.85
CA GLN A 34 0.22 -17.61 7.20
C GLN A 34 0.66 -16.51 8.18
N GLU A 35 1.30 -15.47 7.64
CA GLU A 35 1.78 -14.39 8.50
C GLU A 35 0.63 -13.61 9.11
N GLN A 36 -0.45 -13.44 8.34
CA GLN A 36 -1.60 -12.81 8.96
C GLN A 36 -2.25 -13.76 9.95
N ALA A 37 -2.48 -15.01 9.54
CA ALA A 37 -3.07 -15.98 10.44
C ALA A 37 -2.29 -16.07 11.74
N ALA A 38 -0.95 -16.04 11.66
CA ALA A 38 -0.12 -16.11 12.85
C ALA A 38 -0.30 -14.88 13.69
N ALA A 39 -0.38 -13.73 13.03
CA ALA A 39 -0.47 -12.47 13.76
C ALA A 39 -1.80 -12.26 14.50
N ILE A 40 -2.89 -12.76 13.90
CA ILE A 40 -4.22 -12.70 14.54
C ILE A 40 -4.27 -13.64 15.75
N GLN A 41 -3.83 -14.88 15.52
CA GLN A 41 -3.76 -15.89 16.57
C GLN A 41 -2.87 -15.36 17.70
N SER A 42 -2.12 -14.27 17.44
CA SER A 42 -1.12 -13.68 18.36
C SER A 42 -1.51 -12.44 19.17
N GLU A 43 -1.92 -11.34 18.54
CA GLU A 43 -2.43 -10.24 19.36
C GLU A 43 -3.91 -9.96 19.18
N GLY A 44 -4.63 -10.89 18.58
CA GLY A 44 -6.07 -10.76 18.37
C GLY A 44 -6.38 -9.79 17.25
N ILE A 45 -7.64 -9.38 17.18
CA ILE A 45 -8.06 -8.35 16.24
C ILE A 45 -8.33 -7.06 16.97
N ARG A 46 -7.86 -5.96 16.43
CA ARG A 46 -8.15 -4.68 17.03
C ARG A 46 -9.17 -3.99 16.17
N LEU A 47 -10.16 -3.38 16.79
CA LEU A 47 -11.09 -2.60 16.01
C LEU A 47 -11.07 -1.21 16.56
N TYR A 48 -10.95 -0.24 15.66
CA TYR A 48 -10.96 1.18 15.99
C TYR A 48 -12.33 1.75 15.62
N LYS A 49 -12.92 2.52 16.54
CA LYS A 49 -14.19 3.07 16.24
C LYS A 49 -14.25 4.39 16.94
N GLY A 50 -14.04 5.42 16.13
CA GLY A 50 -14.13 6.83 16.53
C GLY A 50 -13.53 7.18 17.87
N GLY A 51 -12.28 6.82 18.09
CA GLY A 51 -11.65 7.19 19.38
C GLY A 51 -11.55 6.05 20.39
N GLU A 52 -12.35 5.02 20.19
CA GLU A 52 -12.22 3.81 20.99
C GLU A 52 -11.45 2.73 20.24
N GLU A 53 -10.74 1.91 20.98
CA GLU A 53 -10.05 0.76 20.40
C GLU A 53 -10.40 -0.45 21.20
N PHE A 54 -10.88 -1.47 20.54
CA PHE A 54 -11.22 -2.72 21.21
C PHE A 54 -10.29 -3.83 20.74
N ARG A 55 -10.15 -4.86 21.56
CA ARG A 55 -9.43 -6.05 21.16
C ARG A 55 -10.29 -7.27 21.34
N ALA A 56 -10.26 -8.14 20.35
CA ALA A 56 -10.93 -9.43 20.43
C ALA A 56 -9.97 -10.55 20.11
N ASP A 57 -10.03 -11.61 20.89
CA ASP A 57 -9.23 -12.74 20.54
C ASP A 57 -10.00 -13.67 19.55
N CYS A 58 -9.29 -14.16 18.54
CA CYS A 58 -9.87 -14.83 17.37
CA CYS A 58 -9.89 -14.92 17.43
C CYS A 58 -8.89 -15.94 16.97
N SER A 59 -9.38 -17.05 16.44
CA SER A 59 -8.47 -18.04 15.83
C SER A 59 -8.25 -17.68 14.37
N ALA A 60 -7.24 -18.28 13.75
CA ALA A 60 -6.94 -18.04 12.35
C ALA A 60 -6.32 -19.29 11.70
N ASP A 61 -6.39 -19.36 10.38
CA ASP A 61 -5.91 -20.52 9.68
C ASP A 61 -5.76 -20.12 8.23
N THR A 62 -5.10 -20.97 7.44
CA THR A 62 -4.86 -20.69 6.04
C THR A 62 -5.68 -21.68 5.24
N SER A 63 -6.42 -22.50 5.95
CA SER A 63 -7.32 -23.42 5.28
C SER A 63 -8.56 -23.65 6.12
N ILE A 64 -9.63 -24.07 5.44
CA ILE A 64 -10.85 -24.43 6.14
C ILE A 64 -10.66 -25.85 6.62
N ASN A 65 -10.36 -26.02 7.89
CA ASN A 65 -10.17 -27.37 8.37
C ASN A 65 -10.96 -27.64 9.66
N SER A 66 -12.06 -26.91 9.78
CA SER A 66 -13.12 -27.22 10.74
C SER A 66 -14.48 -27.39 10.06
N ASP A 67 -15.41 -27.99 10.80
CA ASP A 67 -16.81 -28.02 10.44
C ASP A 67 -17.49 -26.81 11.09
N PHE A 68 -17.51 -25.68 10.39
CA PHE A 68 -18.10 -24.46 10.97
C PHE A 68 -19.60 -24.48 10.90
N ASP A 69 -20.25 -23.89 11.89
CA ASP A 69 -21.69 -23.64 11.83
C ASP A 69 -22.08 -22.63 10.76
N LEU A 70 -21.17 -21.70 10.48
CA LEU A 70 -21.39 -20.78 9.38
C LEU A 70 -20.03 -20.38 8.78
N LEU A 71 -20.00 -20.24 7.48
CA LEU A 71 -18.87 -19.62 6.80
C LEU A 71 -19.32 -18.33 6.14
N VAL A 72 -18.52 -17.29 6.33
CA VAL A 72 -18.85 -16.00 5.79
C VAL A 72 -17.74 -15.67 4.83
N VAL A 73 -18.09 -15.53 3.56
CA VAL A 73 -17.09 -15.39 2.49
C VAL A 73 -16.97 -13.93 2.07
N THR A 74 -15.78 -13.36 2.26
CA THR A 74 -15.58 -11.93 2.10
C THR A 74 -14.47 -11.60 1.06
N VAL A 75 -13.90 -12.63 0.41
CA VAL A 75 -12.75 -12.43 -0.50
C VAL A 75 -13.13 -11.81 -1.83
N LYS A 76 -12.14 -11.20 -2.46
CA LYS A 76 -12.29 -10.69 -3.81
C LYS A 76 -12.56 -11.81 -4.81
N GLN A 77 -13.35 -11.49 -5.84
CA GLN A 77 -13.75 -12.47 -6.85
C GLN A 77 -12.62 -13.32 -7.37
N HIS A 78 -11.46 -12.71 -7.57
CA HIS A 78 -10.32 -13.39 -8.18
C HIS A 78 -9.86 -14.60 -7.36
N GLN A 79 -10.07 -14.55 -6.05
CA GLN A 79 -9.67 -15.67 -5.19
C GLN A 79 -10.87 -16.57 -4.93
N LEU A 80 -12.01 -16.22 -5.49
CA LEU A 80 -13.22 -16.95 -5.17
C LEU A 80 -13.06 -18.40 -5.64
N GLN A 81 -12.46 -18.58 -6.81
CA GLN A 81 -12.27 -19.92 -7.38
C GLN A 81 -11.65 -20.96 -6.42
N SER A 82 -10.53 -20.63 -5.77
CA SER A 82 -9.94 -21.53 -4.76
C SER A 82 -10.86 -21.82 -3.57
N VAL A 83 -11.59 -20.79 -3.13
CA VAL A 83 -12.57 -20.94 -2.06
C VAL A 83 -13.60 -22.03 -2.39
N PHE A 84 -14.20 -21.93 -3.57
CA PHE A 84 -15.20 -22.89 -4.04
C PHE A 84 -14.65 -24.30 -3.97
N SER A 85 -13.36 -24.43 -4.34
CA SER A 85 -12.68 -25.75 -4.36
C SER A 85 -12.54 -26.35 -2.96
N SER A 86 -12.26 -25.50 -1.98
CA SER A 86 -12.28 -25.95 -0.60
C SER A 86 -13.70 -26.26 -0.15
N LEU A 87 -14.65 -25.47 -0.62
CA LEU A 87 -16.02 -25.59 -0.11
C LEU A 87 -16.66 -26.93 -0.52
N GLU A 88 -15.97 -27.67 -1.37
CA GLU A 88 -16.43 -28.99 -1.80
C GLU A 88 -15.92 -30.13 -0.90
N ARG A 89 -14.82 -29.90 -0.21
CA ARG A 89 -14.20 -30.95 0.59
C ARG A 89 -14.57 -30.90 2.07
N ILE A 90 -15.57 -30.10 2.41
CA ILE A 90 -16.06 -30.02 3.78
C ILE A 90 -17.51 -30.46 3.86
N GLY A 91 -17.97 -30.70 5.08
CA GLY A 91 -19.36 -31.08 5.29
C GLY A 91 -20.32 -29.96 4.91
N LYS A 92 -21.56 -30.34 4.61
CA LYS A 92 -22.54 -29.37 4.21
C LYS A 92 -22.70 -28.40 5.37
N THR A 93 -22.90 -27.12 5.06
CA THR A 93 -23.15 -26.15 6.11
C THR A 93 -23.79 -24.91 5.52
N ASN A 94 -23.87 -23.86 6.33
CA ASN A 94 -24.39 -22.56 5.90
C ASN A 94 -23.21 -21.76 5.37
N ILE A 95 -23.38 -21.13 4.21
CA ILE A 95 -22.35 -20.24 3.67
C ILE A 95 -23.03 -18.96 3.34
N LEU A 96 -22.51 -17.86 3.88
CA LEU A 96 -23.01 -16.52 3.56
C LEU A 96 -22.01 -15.77 2.68
N PHE A 97 -22.36 -15.49 1.42
CA PHE A 97 -21.45 -14.74 0.53
C PHE A 97 -21.65 -13.25 0.63
N LEU A 98 -20.60 -12.50 0.95
CA LEU A 98 -20.76 -11.08 1.11
C LEU A 98 -19.95 -10.27 0.09
N GLN A 99 -19.56 -10.96 -0.97
CA GLN A 99 -18.85 -10.43 -2.13
C GLN A 99 -19.44 -9.18 -2.75
N ASN A 100 -18.56 -8.28 -3.21
CA ASN A 100 -19.00 -7.11 -3.97
C ASN A 100 -19.25 -7.56 -5.40
N GLY A 101 -20.21 -6.91 -6.07
CA GLY A 101 -20.57 -7.32 -7.41
C GLY A 101 -21.50 -8.51 -7.41
N MET A 102 -21.75 -9.05 -8.59
CA MET A 102 -22.69 -10.17 -8.76
C MET A 102 -22.11 -11.29 -9.63
N GLY A 103 -20.82 -11.23 -9.96
CA GLY A 103 -20.16 -12.29 -10.73
C GLY A 103 -20.25 -13.65 -10.05
N HIS A 104 -20.33 -13.65 -8.72
CA HIS A 104 -20.42 -14.93 -7.98
C HIS A 104 -21.78 -15.57 -8.16
N ILE A 105 -22.76 -14.74 -8.50
CA ILE A 105 -24.13 -15.20 -8.68
C ILE A 105 -24.21 -16.20 -9.84
N HIS A 106 -23.43 -15.96 -10.90
CA HIS A 106 -23.33 -16.95 -11.99
C HIS A 106 -22.67 -18.28 -11.52
N ASP A 107 -21.66 -18.18 -10.66
CA ASP A 107 -21.03 -19.37 -10.09
C ASP A 107 -21.98 -20.16 -9.19
N LEU A 108 -22.75 -19.44 -8.38
CA LEU A 108 -23.71 -20.06 -7.45
C LEU A 108 -24.91 -20.70 -8.14
N LYS A 109 -25.36 -20.08 -9.21
CA LYS A 109 -26.53 -20.54 -9.97
C LYS A 109 -26.45 -22.02 -10.27
N ASP A 110 -25.31 -22.43 -10.81
CA ASP A 110 -25.07 -23.82 -11.17
C ASP A 110 -24.08 -24.41 -10.21
N TRP A 111 -24.41 -24.41 -8.93
CA TRP A 111 -23.53 -25.01 -7.95
C TRP A 111 -24.24 -26.17 -7.27
N HIS A 112 -23.82 -27.38 -7.62
CA HIS A 112 -24.38 -28.57 -7.02
C HIS A 112 -23.65 -28.88 -5.72
N VAL A 113 -24.25 -28.51 -4.60
CA VAL A 113 -23.70 -28.81 -3.29
C VAL A 113 -24.81 -29.00 -2.27
N GLY A 114 -24.48 -29.59 -1.13
CA GLY A 114 -25.47 -29.73 -0.08
C GLY A 114 -25.47 -28.57 0.90
N HIS A 115 -24.83 -27.47 0.49
CA HIS A 115 -24.69 -26.32 1.37
C HIS A 115 -25.97 -25.49 1.34
N SER A 116 -26.28 -24.82 2.45
CA SER A 116 -27.33 -23.79 2.44
C SER A 116 -26.67 -22.47 2.09
N ILE A 117 -27.11 -21.86 1.00
CA ILE A 117 -26.47 -20.66 0.49
C ILE A 117 -27.25 -19.42 0.77
N TYR A 118 -26.55 -18.44 1.34
CA TYR A 118 -27.07 -17.14 1.63
C TYR A 118 -26.18 -16.10 0.97
N VAL A 119 -26.76 -14.97 0.71
CA VAL A 119 -26.14 -13.93 -0.05
C VAL A 119 -26.47 -12.60 0.65
N GLY A 120 -25.52 -11.66 0.72
CA GLY A 120 -25.79 -10.38 1.40
C GLY A 120 -24.89 -9.23 0.99
N ILE A 121 -25.22 -8.05 1.47
CA ILE A 121 -24.40 -6.89 1.19
C ILE A 121 -23.97 -6.27 2.50
N VAL A 122 -22.83 -5.61 2.43
CA VAL A 122 -22.26 -5.00 3.61
C VAL A 122 -22.35 -3.49 3.41
N GLU A 123 -23.10 -2.82 4.25
CA GLU A 123 -23.21 -1.36 4.19
C GLU A 123 -22.37 -0.58 5.20
N HIS A 124 -21.52 -1.28 5.93
CA HIS A 124 -20.59 -0.63 6.83
C HIS A 124 -19.49 -0.02 6.03
N GLY A 125 -18.84 0.99 6.60
CA GLY A 125 -17.56 1.48 6.13
C GLY A 125 -16.51 0.79 7.00
N ALA A 126 -15.50 0.22 6.39
CA ALA A 126 -14.45 -0.42 7.17
C ALA A 126 -13.17 -0.37 6.38
N VAL A 127 -12.08 -0.08 7.08
CA VAL A 127 -10.78 0.15 6.43
C VAL A 127 -9.72 -0.68 7.18
N ARG A 128 -9.07 -1.64 6.52
CA ARG A 128 -8.03 -2.45 7.20
C ARG A 128 -6.79 -1.57 7.41
N LYS A 129 -6.31 -1.52 8.66
CA LYS A 129 -5.14 -0.72 8.99
C LYS A 129 -3.86 -1.53 8.95
N SER A 130 -3.94 -2.81 9.28
CA SER A 130 -2.81 -3.73 9.31
C SER A 130 -3.34 -5.14 9.20
N ASP A 131 -2.46 -6.14 9.30
CA ASP A 131 -2.89 -7.55 9.32
C ASP A 131 -3.90 -7.88 10.44
N THR A 132 -3.85 -7.18 11.56
CA THR A 132 -4.76 -7.48 12.66
C THR A 132 -5.76 -6.36 13.01
N ALA A 133 -5.73 -5.25 12.31
CA ALA A 133 -6.50 -4.11 12.80
C ALA A 133 -7.40 -3.52 11.71
N VAL A 134 -8.60 -3.06 12.14
CA VAL A 134 -9.60 -2.55 11.23
C VAL A 134 -10.29 -1.34 11.85
N ASP A 135 -10.54 -0.33 11.04
CA ASP A 135 -11.19 0.86 11.55
C ASP A 135 -12.62 0.79 11.08
N HIS A 136 -13.59 0.83 12.00
CA HIS A 136 -15.00 0.81 11.62
C HIS A 136 -15.39 2.27 11.35
N THR A 137 -15.19 2.70 10.10
CA THR A 137 -15.36 4.10 9.70
C THR A 137 -16.81 4.51 9.41
N GLY A 138 -17.67 3.54 9.16
CA GLY A 138 -19.02 3.82 8.69
C GLY A 138 -19.96 2.85 9.39
N LEU A 139 -20.77 3.37 10.29
CA LEU A 139 -21.62 2.53 11.08
C LEU A 139 -22.82 2.17 10.23
N GLY A 140 -22.78 1.01 9.61
CA GLY A 140 -23.84 0.56 8.69
C GLY A 140 -24.54 -0.66 9.22
N ALA A 141 -24.71 -1.64 8.34
CA ALA A 141 -25.41 -2.87 8.66
C ALA A 141 -25.00 -3.91 7.65
N ILE A 142 -25.33 -5.17 7.92
CA ILE A 142 -25.27 -6.21 6.92
C ILE A 142 -26.70 -6.63 6.64
N LYS A 143 -27.02 -6.83 5.38
CA LYS A 143 -28.34 -7.35 4.99
C LYS A 143 -28.16 -8.63 4.20
N TRP A 144 -28.98 -9.63 4.50
CA TRP A 144 -28.79 -10.92 3.85
C TRP A 144 -30.15 -11.52 3.44
N SER A 145 -30.09 -12.51 2.53
CA SER A 145 -31.27 -13.20 2.00
C SER A 145 -30.90 -14.63 1.80
N ALA A 146 -31.88 -15.54 1.72
CA ALA A 146 -31.64 -16.91 1.27
C ALA A 146 -31.43 -17.00 -0.24
N PHE A 147 -30.48 -17.79 -0.68
CA PHE A 147 -30.31 -17.95 -2.12
C PHE A 147 -30.88 -19.32 -2.49
N ASP A 148 -31.65 -19.34 -3.56
CA ASP A 148 -32.27 -20.55 -4.02
C ASP A 148 -33.16 -21.03 -2.88
N ASP A 149 -33.03 -22.30 -2.49
CA ASP A 149 -33.99 -22.89 -1.58
C ASP A 149 -33.46 -23.02 -0.15
N ALA A 150 -32.61 -22.09 0.26
CA ALA A 150 -32.09 -22.17 1.62
C ALA A 150 -33.11 -21.64 2.63
N GLU A 151 -33.13 -22.31 3.77
CA GLU A 151 -34.03 -22.02 4.86
C GLU A 151 -33.49 -20.88 5.73
N PRO A 152 -34.18 -19.73 5.74
CA PRO A 152 -33.68 -18.55 6.45
C PRO A 152 -33.53 -18.81 7.93
N ASP A 153 -34.44 -19.62 8.48
CA ASP A 153 -34.46 -19.81 9.93
C ASP A 153 -33.15 -20.40 10.42
N ARG A 154 -32.44 -21.11 9.55
CA ARG A 154 -31.13 -21.66 9.92
C ARG A 154 -30.17 -20.65 10.54
N LEU A 155 -30.30 -19.36 10.18
CA LEU A 155 -29.40 -18.36 10.74
C LEU A 155 -29.93 -17.61 11.96
N ASN A 156 -31.10 -18.03 12.48
CA ASN A 156 -31.80 -17.34 13.57
C ASN A 156 -30.98 -17.28 14.84
N ILE A 157 -30.44 -18.41 15.26
CA ILE A 157 -29.71 -18.45 16.51
C ILE A 157 -28.41 -17.72 16.29
N LEU A 158 -27.77 -17.98 15.14
CA LEU A 158 -26.50 -17.33 14.86
C LEU A 158 -26.62 -15.82 14.98
N PHE A 159 -27.65 -15.23 14.37
CA PHE A 159 -27.81 -13.81 14.30
C PHE A 159 -28.81 -13.27 15.31
N GLN A 160 -29.19 -14.08 16.29
CA GLN A 160 -30.16 -13.66 17.30
C GLN A 160 -29.72 -12.41 18.03
N HIS A 161 -28.45 -12.37 18.45
CA HIS A 161 -27.93 -11.25 19.20
C HIS A 161 -26.70 -10.62 18.57
N ASN A 162 -26.76 -9.32 18.31
CA ASN A 162 -25.58 -8.62 17.78
C ASN A 162 -25.23 -7.33 18.49
N HIS A 163 -23.96 -6.90 18.40
CA HIS A 163 -23.59 -5.57 18.91
C HIS A 163 -24.47 -4.50 18.27
N SER A 164 -24.81 -3.45 19.00
CA SER A 164 -25.66 -2.42 18.46
C SER A 164 -25.09 -1.86 17.17
N ASP A 165 -23.76 -1.88 17.04
CA ASP A 165 -23.14 -1.21 15.89
C ASP A 165 -22.88 -2.14 14.74
N PHE A 166 -23.28 -3.42 14.91
CA PHE A 166 -23.17 -4.46 13.94
C PHE A 166 -24.55 -5.07 13.67
N PRO A 167 -25.57 -4.24 13.35
CA PRO A 167 -26.87 -4.87 13.11
C PRO A 167 -26.91 -5.73 11.85
N ILE A 168 -27.77 -6.74 11.86
CA ILE A 168 -27.90 -7.63 10.74
C ILE A 168 -29.38 -7.83 10.44
N TYR A 169 -29.78 -7.60 9.17
CA TYR A 169 -31.21 -7.58 8.79
C TYR A 169 -31.45 -8.59 7.70
N TYR A 170 -32.54 -9.34 7.80
CA TYR A 170 -32.92 -10.29 6.76
C TYR A 170 -33.80 -9.59 5.75
N GLU A 171 -33.58 -9.85 4.47
CA GLU A 171 -34.46 -9.30 3.40
C GLU A 171 -34.99 -10.51 2.60
N THR A 172 -36.24 -10.50 2.16
CA THR A 172 -36.77 -11.70 1.52
C THR A 172 -36.32 -11.91 0.07
N ASP A 173 -35.99 -10.82 -0.62
CA ASP A 173 -35.64 -10.92 -2.05
C ASP A 173 -34.15 -10.68 -2.32
N TRP A 174 -33.42 -11.75 -2.51
CA TRP A 174 -31.97 -11.70 -2.71
C TRP A 174 -31.67 -10.88 -3.97
N TYR A 175 -32.53 -11.02 -4.99
CA TYR A 175 -32.19 -10.40 -6.27
C TYR A 175 -32.35 -8.90 -6.21
N ARG A 176 -33.42 -8.44 -5.58
CA ARG A 176 -33.61 -7.03 -5.36
C ARG A 176 -32.50 -6.43 -4.47
N LEU A 177 -32.15 -7.18 -3.43
CA LEU A 177 -31.11 -6.71 -2.49
C LEU A 177 -29.79 -6.38 -3.25
N LEU A 178 -29.29 -7.37 -3.95
CA LEU A 178 -27.99 -7.29 -4.65
C LEU A 178 -27.96 -6.33 -5.82
N THR A 179 -29.02 -6.36 -6.63
CA THR A 179 -29.05 -5.51 -7.82
C THR A 179 -29.18 -4.10 -7.36
N GLY A 180 -29.80 -3.91 -6.21
CA GLY A 180 -30.02 -2.55 -5.75
C GLY A 180 -28.71 -1.86 -5.41
N LYS A 181 -27.74 -2.65 -5.00
CA LYS A 181 -26.41 -2.11 -4.73
C LYS A 181 -25.57 -2.09 -6.03
N LEU A 182 -25.75 -3.11 -6.86
CA LEU A 182 -24.99 -3.19 -8.11
C LEU A 182 -25.27 -2.00 -9.04
N ILE A 183 -26.54 -1.60 -9.19
CA ILE A 183 -26.85 -0.50 -10.11
C ILE A 183 -26.04 0.71 -9.74
N VAL A 184 -25.98 0.99 -8.45
CA VAL A 184 -25.15 2.09 -7.97
C VAL A 184 -23.64 1.93 -8.31
N ASN A 185 -23.03 0.81 -7.94
CA ASN A 185 -21.59 0.63 -8.18
C ASN A 185 -21.26 0.70 -9.67
N ALA A 186 -22.12 0.09 -10.50
CA ALA A 186 -21.86 0.00 -11.94
C ALA A 186 -21.88 1.37 -12.60
N CYS A 187 -22.70 2.30 -12.10
CA CYS A 187 -22.79 3.62 -12.69
C CYS A 187 -21.72 4.56 -12.23
N ILE A 188 -21.27 4.42 -10.99
CA ILE A 188 -20.29 5.35 -10.46
C ILE A 188 -18.85 4.89 -10.66
N ASN A 189 -18.57 3.62 -10.39
CA ASN A 189 -17.17 3.14 -10.29
C ASN A 189 -16.30 3.12 -11.57
N PRO A 190 -16.81 2.48 -12.65
CA PRO A 190 -16.10 2.49 -13.91
C PRO A 190 -15.90 3.89 -14.43
N LEU A 191 -16.90 4.77 -14.27
CA LEU A 191 -16.80 6.12 -14.81
C LEU A 191 -15.75 6.94 -14.12
N THR A 192 -15.74 6.87 -12.79
CA THR A 192 -14.74 7.58 -12.01
C THR A 192 -13.33 7.06 -12.25
N ALA A 193 -13.23 5.76 -12.45
CA ALA A 193 -11.94 5.15 -12.73
C ALA A 193 -11.40 5.69 -14.03
N LEU A 194 -12.25 5.88 -15.05
CA LEU A 194 -11.68 6.39 -16.31
C LEU A 194 -11.36 7.90 -16.29
N LEU A 195 -12.25 8.67 -15.67
CA LEU A 195 -12.14 10.14 -15.69
C LEU A 195 -11.19 10.62 -14.60
N GLN A 196 -10.92 9.75 -13.64
CA GLN A 196 -10.16 10.03 -12.44
C GLN A 196 -10.63 11.31 -11.72
N VAL A 197 -11.91 11.34 -11.41
CA VAL A 197 -12.49 12.46 -10.70
C VAL A 197 -13.19 11.92 -9.48
N LYS A 198 -13.38 12.75 -8.45
CA LYS A 198 -14.18 12.32 -7.31
C LYS A 198 -15.62 12.12 -7.76
N ASN A 199 -16.38 11.36 -6.98
CA ASN A 199 -17.75 11.02 -7.30
C ASN A 199 -18.62 12.23 -7.61
N GLY A 200 -18.42 13.32 -6.88
CA GLY A 200 -19.29 14.48 -7.05
C GLY A 200 -19.14 15.09 -8.44
N GLU A 201 -17.96 14.91 -9.03
CA GLU A 201 -17.72 15.44 -10.36
C GLU A 201 -18.64 14.84 -11.42
N LEU A 202 -19.18 13.65 -11.17
CA LEU A 202 -20.19 13.04 -12.05
C LEU A 202 -21.50 13.80 -12.11
N LEU A 203 -21.82 14.51 -11.03
CA LEU A 203 -23.11 15.17 -10.92
C LEU A 203 -23.05 16.59 -11.43
N THR A 204 -21.92 17.24 -11.18
CA THR A 204 -21.79 18.65 -11.48
C THR A 204 -21.22 18.94 -12.88
N THR A 205 -20.87 17.90 -13.64
CA THR A 205 -20.41 18.10 -15.02
C THR A 205 -21.49 17.55 -15.91
N PRO A 206 -22.23 18.43 -16.61
CA PRO A 206 -23.32 18.02 -17.49
C PRO A 206 -23.06 16.80 -18.37
N ALA A 207 -21.95 16.76 -19.13
CA ALA A 207 -21.69 15.57 -20.00
C ALA A 207 -21.42 14.29 -19.22
N TYR A 208 -20.79 14.41 -18.06
CA TYR A 208 -20.47 13.22 -17.27
C TYR A 208 -21.75 12.64 -16.70
N LEU A 209 -22.67 13.51 -16.28
CA LEU A 209 -23.97 13.07 -15.77
C LEU A 209 -24.76 12.36 -16.86
N ALA A 210 -24.77 12.98 -18.05
CA ALA A 210 -25.41 12.40 -19.23
C ALA A 210 -24.77 11.05 -19.62
N PHE A 211 -23.44 10.97 -19.56
CA PHE A 211 -22.82 9.67 -19.82
C PHE A 211 -23.21 8.63 -18.75
N MET A 212 -23.16 9.02 -17.48
CA MET A 212 -23.68 8.12 -16.42
C MET A 212 -25.12 7.62 -16.69
N LYS A 213 -25.99 8.54 -17.12
CA LYS A 213 -27.38 8.16 -17.41
C LYS A 213 -27.46 7.10 -18.49
N LEU A 214 -26.62 7.26 -19.53
CA LEU A 214 -26.55 6.26 -20.60
C LEU A 214 -26.11 4.91 -20.08
N VAL A 215 -25.12 4.91 -19.18
CA VAL A 215 -24.72 3.68 -18.52
C VAL A 215 -25.89 3.15 -17.65
N PHE A 216 -26.52 4.03 -16.89
CA PHE A 216 -27.66 3.57 -16.04
C PHE A 216 -28.73 2.84 -16.89
N GLN A 217 -29.10 3.46 -18.01
CA GLN A 217 -30.16 2.92 -18.86
C GLN A 217 -29.85 1.52 -19.33
N GLU A 218 -28.60 1.25 -19.73
CA GLU A 218 -28.23 -0.10 -20.11
C GLU A 218 -28.32 -1.06 -18.95
N ALA A 219 -27.68 -0.70 -17.83
CA ALA A 219 -27.62 -1.58 -16.68
C ALA A 219 -29.00 -1.85 -16.15
N CYS A 220 -29.78 -0.78 -16.06
CA CYS A 220 -31.16 -0.87 -15.55
C CYS A 220 -31.99 -1.88 -16.34
N ARG A 221 -31.94 -1.81 -17.68
CA ARG A 221 -32.62 -2.80 -18.52
C ARG A 221 -32.08 -4.23 -18.37
N ILE A 222 -30.76 -4.41 -18.34
CA ILE A 222 -30.16 -5.73 -18.21
C ILE A 222 -30.63 -6.41 -16.91
N LEU A 223 -30.71 -5.61 -15.84
CA LEU A 223 -31.09 -6.14 -14.53
C LEU A 223 -32.61 -6.25 -14.35
N LYS A 224 -33.36 -5.61 -15.26
CA LYS A 224 -34.82 -5.55 -15.17
C LYS A 224 -35.27 -4.97 -13.82
N LEU A 225 -34.75 -3.80 -13.48
CA LEU A 225 -35.05 -3.18 -12.21
C LEU A 225 -36.50 -2.73 -12.14
N GLU A 226 -37.17 -3.09 -11.05
CA GLU A 226 -38.56 -2.72 -10.82
C GLU A 226 -38.78 -1.23 -11.08
N ASN A 227 -38.37 -0.38 -10.14
CA ASN A 227 -38.58 1.05 -10.29
C ASN A 227 -37.36 1.80 -10.83
N GLU A 228 -37.38 2.13 -12.12
CA GLU A 228 -36.26 2.78 -12.78
C GLU A 228 -36.06 4.22 -12.35
N GLU A 229 -37.13 4.99 -12.30
CA GLU A 229 -36.99 6.41 -11.96
C GLU A 229 -36.39 6.57 -10.56
N LYS A 230 -36.80 5.68 -9.67
CA LYS A 230 -36.37 5.70 -8.28
C LYS A 230 -34.91 5.26 -8.19
N ALA A 231 -34.54 4.23 -8.95
CA ALA A 231 -33.14 3.78 -8.96
C ALA A 231 -32.21 4.87 -9.49
N TRP A 232 -32.62 5.58 -10.55
CA TRP A 232 -31.80 6.69 -11.06
C TRP A 232 -31.61 7.80 -10.03
N GLU A 233 -32.65 8.10 -9.27
CA GLU A 233 -32.54 9.16 -8.26
C GLU A 233 -31.51 8.79 -7.22
N ARG A 234 -31.57 7.53 -6.81
CA ARG A 234 -30.70 6.90 -5.83
C ARG A 234 -29.23 6.97 -6.23
N VAL A 235 -28.95 6.51 -7.44
CA VAL A 235 -27.59 6.64 -8.02
C VAL A 235 -27.07 8.05 -7.84
N GLN A 236 -27.86 9.04 -8.25
CA GLN A 236 -27.43 10.43 -8.11
C GLN A 236 -27.35 10.84 -6.65
N ALA A 237 -28.33 10.36 -5.88
CA ALA A 237 -28.33 10.54 -4.44
C ALA A 237 -27.03 10.06 -3.79
N VAL A 238 -26.60 8.82 -4.08
CA VAL A 238 -25.40 8.24 -3.45
C VAL A 238 -24.13 8.93 -3.90
N CYS A 239 -24.13 9.33 -5.18
CA CYS A 239 -23.09 10.19 -5.69
C CYS A 239 -22.94 11.43 -4.82
N GLY A 240 -24.08 12.03 -4.50
CA GLY A 240 -24.12 13.24 -3.69
C GLY A 240 -23.55 12.99 -2.30
N GLN A 241 -23.99 11.90 -1.69
CA GLN A 241 -23.50 11.52 -0.34
C GLN A 241 -22.01 11.26 -0.28
N THR A 242 -21.43 10.76 -1.37
CA THR A 242 -19.99 10.48 -1.45
C THR A 242 -19.19 11.48 -2.31
N LYS A 243 -19.67 12.72 -2.41
CA LYS A 243 -19.11 13.69 -3.37
C LYS A 243 -17.60 13.88 -3.36
N GLU A 244 -16.99 13.83 -2.18
CA GLU A 244 -15.54 14.09 -2.05
C GLU A 244 -14.73 12.80 -2.08
N ASN A 245 -15.41 11.66 -2.21
CA ASN A 245 -14.74 10.37 -2.18
C ASN A 245 -14.20 10.00 -3.55
N ARG A 246 -13.05 9.30 -3.57
CA ARG A 246 -12.59 8.56 -4.74
C ARG A 246 -13.12 7.12 -4.66
N SER A 247 -13.76 6.66 -5.74
CA SER A 247 -14.45 5.39 -5.70
C SER A 247 -13.39 4.32 -5.51
N SER A 248 -13.78 3.15 -5.03
CA SER A 248 -12.84 2.03 -4.87
C SER A 248 -12.16 1.60 -6.17
N MET A 249 -12.86 1.75 -7.31
CA MET A 249 -12.30 1.34 -8.60
C MET A 249 -11.28 2.35 -9.07
N LEU A 250 -11.52 3.62 -8.81
CA LEU A 250 -10.57 4.67 -9.16
C LEU A 250 -9.27 4.42 -8.39
N VAL A 251 -9.41 4.13 -7.10
CA VAL A 251 -8.27 3.77 -6.24
C VAL A 251 -7.48 2.55 -6.76
N ASP A 252 -8.17 1.47 -7.09
CA ASP A 252 -7.54 0.30 -7.66
C ASP A 252 -6.75 0.64 -8.94
N VAL A 253 -7.37 1.36 -9.86
CA VAL A 253 -6.71 1.76 -11.09
C VAL A 253 -5.44 2.62 -10.86
N ILE A 254 -5.54 3.62 -9.99
CA ILE A 254 -4.38 4.43 -9.65
C ILE A 254 -3.26 3.56 -9.06
N GLY A 255 -3.64 2.55 -8.29
CA GLY A 255 -2.66 1.71 -7.61
C GLY A 255 -2.07 0.56 -8.40
N GLY A 256 -2.55 0.38 -9.63
CA GLY A 256 -2.11 -0.74 -10.46
C GLY A 256 -2.58 -2.10 -9.96
N ARG A 257 -3.69 -2.11 -9.23
CA ARG A 257 -4.24 -3.33 -8.65
C ARG A 257 -5.38 -3.84 -9.51
N GLN A 258 -5.64 -5.15 -9.48
CA GLN A 258 -6.78 -5.69 -10.17
C GLN A 258 -8.03 -5.03 -9.59
N THR A 259 -8.99 -4.77 -10.46
CA THR A 259 -10.20 -4.12 -10.02
C THR A 259 -11.32 -5.15 -9.89
N GLU A 260 -12.49 -4.69 -9.48
CA GLU A 260 -13.68 -5.54 -9.47
C GLU A 260 -14.49 -5.42 -10.77
N ALA A 261 -13.83 -5.07 -11.88
CA ALA A 261 -14.52 -4.97 -13.18
C ALA A 261 -15.26 -6.26 -13.54
N ASP A 262 -14.65 -7.40 -13.32
CA ASP A 262 -15.34 -8.63 -13.75
C ASP A 262 -16.60 -8.87 -12.94
N ALA A 263 -16.53 -8.58 -11.63
CA ALA A 263 -17.66 -8.84 -10.72
C ALA A 263 -18.77 -7.82 -10.86
N ILE A 264 -18.41 -6.59 -11.22
CA ILE A 264 -19.41 -5.54 -11.39
C ILE A 264 -19.89 -5.50 -12.84
N ILE A 265 -18.95 -5.27 -13.76
CA ILE A 265 -19.34 -5.01 -15.14
C ILE A 265 -19.49 -6.29 -15.91
N GLY A 266 -18.55 -7.21 -15.71
CA GLY A 266 -18.49 -8.47 -16.44
C GLY A 266 -19.76 -9.28 -16.27
N TYR A 267 -20.38 -9.10 -15.10
CA TYR A 267 -21.66 -9.78 -14.87
C TYR A 267 -22.82 -9.18 -15.71
N LEU A 268 -22.91 -7.85 -15.75
CA LEU A 268 -23.84 -7.17 -16.61
C LEU A 268 -23.61 -7.56 -18.09
N LEU A 269 -22.36 -7.69 -18.49
CA LEU A 269 -22.07 -8.05 -19.90
C LEU A 269 -22.61 -9.45 -20.22
N LYS A 270 -22.36 -10.40 -19.33
CA LYS A 270 -22.85 -11.77 -19.51
C LYS A 270 -24.36 -11.78 -19.57
N GLU A 271 -24.98 -10.97 -18.73
CA GLU A 271 -26.45 -10.88 -18.73
C GLU A 271 -27.05 -10.19 -19.95
N ALA A 272 -26.39 -9.14 -20.45
CA ALA A 272 -26.84 -8.46 -21.67
C ALA A 272 -26.83 -9.45 -22.81
N SER A 273 -25.75 -10.22 -22.87
CA SER A 273 -25.56 -11.19 -23.94
C SER A 273 -26.66 -12.28 -23.92
N LEU A 274 -26.96 -12.78 -22.74
CA LEU A 274 -27.98 -13.83 -22.60
C LEU A 274 -29.37 -13.32 -23.03
N GLN A 275 -29.59 -12.03 -22.97
CA GLN A 275 -30.88 -11.48 -23.31
C GLN A 275 -30.90 -10.82 -24.70
N GLY A 276 -29.79 -10.89 -25.42
CA GLY A 276 -29.67 -10.22 -26.72
C GLY A 276 -29.80 -8.72 -26.58
N LEU A 277 -29.31 -8.20 -25.46
CA LEU A 277 -29.38 -6.78 -25.20
C LEU A 277 -28.04 -6.13 -25.53
N ASP A 278 -28.08 -4.84 -25.84
CA ASP A 278 -26.89 -4.12 -26.14
C ASP A 278 -26.37 -3.47 -24.86
N ALA A 279 -25.07 -3.32 -24.80
CA ALA A 279 -24.42 -2.80 -23.61
C ALA A 279 -23.15 -2.15 -24.10
N VAL A 280 -23.28 -1.28 -25.10
CA VAL A 280 -22.11 -0.67 -25.76
CA VAL A 280 -22.16 -0.62 -25.77
C VAL A 280 -21.28 0.19 -24.79
N HIS A 281 -21.94 0.96 -23.93
CA HIS A 281 -21.18 1.80 -23.00
C HIS A 281 -20.52 0.94 -21.94
N LEU A 282 -21.27 0.03 -21.34
CA LEU A 282 -20.66 -0.93 -20.42
C LEU A 282 -19.48 -1.70 -21.06
N GLU A 283 -19.60 -2.06 -22.35
CA GLU A 283 -18.55 -2.84 -22.94
C GLU A 283 -17.29 -1.98 -23.11
N PHE A 284 -17.47 -0.72 -23.46
CA PHE A 284 -16.31 0.16 -23.68
C PHE A 284 -15.57 0.41 -22.33
N LEU A 285 -16.35 0.63 -21.28
CA LEU A 285 -15.80 0.82 -19.94
C LEU A 285 -15.02 -0.40 -19.48
N TYR A 286 -15.61 -1.57 -19.64
CA TYR A 286 -15.00 -2.84 -19.30
C TYR A 286 -13.69 -3.01 -20.07
N GLY A 287 -13.73 -2.85 -21.39
CA GLY A 287 -12.50 -3.02 -22.17
C GLY A 287 -11.41 -2.05 -21.71
N SER A 288 -11.76 -0.81 -21.39
CA SER A 288 -10.78 0.20 -21.01
C SER A 288 -10.20 -0.05 -19.65
N ILE A 289 -11.04 -0.47 -18.70
CA ILE A 289 -10.51 -0.81 -17.36
C ILE A 289 -9.64 -2.07 -17.43
N LYS A 290 -10.13 -3.09 -18.11
CA LYS A 290 -9.35 -4.31 -18.32
C LYS A 290 -8.01 -4.07 -19.01
N ALA A 291 -7.98 -3.15 -19.97
CA ALA A 291 -6.76 -2.83 -20.68
C ALA A 291 -5.67 -2.39 -19.72
N LEU A 292 -6.09 -1.77 -18.61
CA LEU A 292 -5.16 -1.25 -17.60
C LEU A 292 -4.52 -2.35 -16.75
N GLU A 293 -5.14 -3.53 -16.74
CA GLU A 293 -4.65 -4.71 -16.03
C GLU A 293 -3.81 -5.62 -16.92
N LEU B 3 4.12 10.27 21.12
CA LEU B 3 5.21 11.05 20.43
C LEU B 3 4.85 11.48 19.01
N LYS B 4 5.22 12.70 18.64
CA LYS B 4 4.86 13.21 17.35
C LYS B 4 6.04 13.12 16.39
N ILE B 5 5.84 12.47 15.25
CA ILE B 5 6.89 12.40 14.25
C ILE B 5 6.48 13.16 12.99
N GLY B 6 7.41 13.94 12.44
CA GLY B 6 7.13 14.64 11.20
C GLY B 6 7.97 14.03 10.11
N ILE B 7 7.34 13.73 8.99
CA ILE B 7 8.08 13.23 7.86
C ILE B 7 8.15 14.34 6.86
N ILE B 8 9.37 14.80 6.56
CA ILE B 8 9.52 15.88 5.55
C ILE B 8 9.77 15.26 4.20
N GLY B 9 8.80 15.43 3.31
CA GLY B 9 8.88 14.90 1.98
C GLY B 9 7.73 13.92 1.87
N GLY B 10 6.96 14.00 0.78
CA GLY B 10 5.86 13.05 0.52
C GLY B 10 6.11 12.17 -0.69
N GLY B 11 7.38 11.90 -0.95
CA GLY B 11 7.81 10.94 -1.97
C GLY B 11 7.64 9.51 -1.50
N SER B 12 8.10 8.55 -2.29
CA SER B 12 7.99 7.15 -1.95
C SER B 12 8.55 6.78 -0.58
N VAL B 13 9.76 7.25 -0.26
CA VAL B 13 10.34 6.98 1.07
C VAL B 13 9.54 7.63 2.20
N GLY B 14 9.14 8.89 2.01
CA GLY B 14 8.36 9.59 3.04
C GLY B 14 7.05 8.87 3.31
N LEU B 15 6.37 8.40 2.26
CA LEU B 15 5.08 7.71 2.47
C LEU B 15 5.26 6.33 3.11
N LEU B 16 6.33 5.64 2.72
CA LEU B 16 6.63 4.36 3.35
C LEU B 16 6.87 4.51 4.86
N CYS B 17 7.73 5.47 5.21
CA CYS B 17 8.03 5.78 6.62
C CYS B 17 6.74 6.17 7.34
N ALA B 18 5.90 6.99 6.68
CA ALA B 18 4.67 7.43 7.32
C ALA B 18 3.77 6.28 7.68
N TYR B 19 3.64 5.28 6.79
CA TYR B 19 2.76 4.15 7.08
C TYR B 19 3.28 3.39 8.30
N TYR B 20 4.54 2.95 8.24
CA TYR B 20 5.02 2.05 9.28
C TYR B 20 5.18 2.69 10.65
N LEU B 21 5.58 3.97 10.66
CA LEU B 21 5.79 4.64 11.94
C LEU B 21 4.45 5.01 12.60
N SER B 22 3.44 5.26 11.77
CA SER B 22 2.10 5.55 12.31
C SER B 22 1.50 4.34 13.07
N LEU B 23 2.09 3.15 12.93
CA LEU B 23 1.66 1.99 13.71
C LEU B 23 2.01 2.12 15.20
N TYR B 24 2.90 3.06 15.51
CA TYR B 24 3.43 3.24 16.86
C TYR B 24 3.25 4.68 17.36
N HIS B 25 3.21 5.63 16.42
CA HIS B 25 3.34 7.06 16.75
C HIS B 25 2.34 7.89 15.99
N ASP B 26 2.12 9.12 16.46
CA ASP B 26 1.37 10.17 15.74
C ASP B 26 2.20 10.78 14.61
N VAL B 27 1.84 10.52 13.37
CA VAL B 27 2.67 10.97 12.23
C VAL B 27 2.02 12.09 11.42
N THR B 28 2.85 13.05 11.01
CA THR B 28 2.41 14.12 10.12
C THR B 28 3.34 14.17 8.96
N VAL B 29 2.79 14.11 7.75
CA VAL B 29 3.62 14.29 6.55
C VAL B 29 3.68 15.77 6.19
N VAL B 30 4.89 16.31 6.18
CA VAL B 30 5.10 17.72 5.82
C VAL B 30 5.46 17.77 4.33
N THR B 31 4.57 18.34 3.53
CA THR B 31 4.79 18.32 2.10
C THR B 31 4.73 19.73 1.48
N ARG B 32 5.34 19.86 0.31
N ARG B 32 5.37 19.88 0.33
CA ARG B 32 5.42 21.14 -0.43
CA ARG B 32 5.37 21.16 -0.37
C ARG B 32 4.16 21.41 -1.25
C ARG B 32 3.98 21.44 -0.93
N ARG B 33 3.33 20.38 -1.44
CA ARG B 33 2.09 20.55 -2.18
C ARG B 33 0.80 20.46 -1.37
N GLN B 34 0.11 21.59 -1.32
CA GLN B 34 -1.16 21.70 -0.64
C GLN B 34 -2.09 20.58 -1.09
N GLU B 35 -1.97 20.20 -2.36
CA GLU B 35 -2.86 19.19 -2.86
C GLU B 35 -2.55 17.84 -2.20
N GLN B 36 -1.27 17.53 -2.02
CA GLN B 36 -0.90 16.28 -1.31
C GLN B 36 -1.34 16.32 0.13
N ALA B 37 -1.01 17.41 0.83
CA ALA B 37 -1.42 17.56 2.22
C ALA B 37 -2.93 17.31 2.41
N ALA B 38 -3.73 17.97 1.57
CA ALA B 38 -5.20 17.85 1.68
C ALA B 38 -5.61 16.40 1.47
N ALA B 39 -4.97 15.74 0.52
CA ALA B 39 -5.34 14.37 0.17
C ALA B 39 -5.01 13.41 1.32
N ILE B 40 -3.86 13.62 1.96
CA ILE B 40 -3.49 12.74 3.07
C ILE B 40 -4.42 13.04 4.22
N GLN B 41 -4.67 14.33 4.43
CA GLN B 41 -5.56 14.76 5.51
C GLN B 41 -6.92 14.10 5.34
N SER B 42 -7.37 13.94 4.11
CA SER B 42 -8.66 13.29 3.87
C SER B 42 -8.60 11.76 3.90
N GLU B 43 -7.55 11.17 3.33
CA GLU B 43 -7.54 9.71 3.11
C GLU B 43 -6.53 8.92 3.96
N GLY B 44 -5.58 9.60 4.57
CA GLY B 44 -4.47 8.91 5.23
C GLY B 44 -3.53 8.35 4.18
N ILE B 45 -2.71 7.40 4.56
CA ILE B 45 -1.76 6.75 3.61
C ILE B 45 -2.08 5.29 3.31
N ARG B 46 -2.06 4.93 2.01
CA ARG B 46 -2.33 3.56 1.59
C ARG B 46 -1.03 2.84 1.30
N LEU B 47 -0.84 1.71 1.92
CA LEU B 47 0.37 0.93 1.61
C LEU B 47 -0.06 -0.32 0.89
N TYR B 48 0.65 -0.67 -0.19
CA TYR B 48 0.46 -1.93 -0.85
C TYR B 48 1.69 -2.80 -0.62
N LYS B 49 1.44 -4.07 -0.39
CA LYS B 49 2.48 -5.00 -0.12
C LYS B 49 2.01 -6.35 -0.66
N GLY B 50 2.69 -6.81 -1.71
CA GLY B 50 2.26 -8.01 -2.40
C GLY B 50 0.89 -7.68 -2.94
N GLY B 51 -0.07 -8.56 -2.71
CA GLY B 51 -1.40 -8.29 -3.22
C GLY B 51 -2.20 -7.34 -2.36
N GLU B 52 -1.70 -7.07 -1.15
CA GLU B 52 -2.51 -6.57 -0.03
C GLU B 52 -2.38 -5.09 0.17
N GLU B 53 -3.49 -4.46 0.59
CA GLU B 53 -3.54 -3.03 0.83
C GLU B 53 -3.93 -2.78 2.31
N PHE B 54 -3.31 -1.76 2.89
CA PHE B 54 -3.53 -1.35 4.28
C PHE B 54 -3.60 0.16 4.27
N ARG B 55 -4.25 0.74 5.27
CA ARG B 55 -4.38 2.21 5.36
C ARG B 55 -4.00 2.70 6.75
N ALA B 56 -3.19 3.75 6.79
CA ALA B 56 -2.77 4.32 8.07
C ALA B 56 -3.35 5.72 8.18
N ASP B 57 -3.81 6.09 9.37
CA ASP B 57 -4.24 7.46 9.53
C ASP B 57 -2.98 8.27 9.70
N CYS B 58 -2.91 9.40 9.02
CA CYS B 58 -1.71 10.19 9.06
C CYS B 58 -2.18 11.62 8.89
N SER B 59 -1.60 12.57 9.64
CA SER B 59 -1.85 13.99 9.37
C SER B 59 -0.94 14.46 8.25
N ALA B 60 -1.24 15.64 7.71
CA ALA B 60 -0.35 16.33 6.75
C ALA B 60 -0.46 17.84 6.96
N ASP B 61 0.47 18.59 6.35
CA ASP B 61 0.58 20.06 6.54
C ASP B 61 1.60 20.49 5.50
N THR B 62 1.64 21.78 5.15
CA THR B 62 2.62 22.27 4.17
C THR B 62 3.75 23.01 4.87
N SER B 63 3.65 23.15 6.18
CA SER B 63 4.76 23.65 6.95
C SER B 63 4.74 23.03 8.36
N ILE B 64 5.76 23.30 9.16
CA ILE B 64 5.86 22.71 10.50
C ILE B 64 5.15 23.55 11.57
N ASN B 65 4.08 23.00 12.15
CA ASN B 65 3.24 23.75 13.06
C ASN B 65 3.05 23.11 14.43
N SER B 66 3.78 22.00 14.67
CA SER B 66 3.79 21.30 15.95
C SER B 66 5.22 21.16 16.44
N ASP B 67 5.38 20.80 17.71
CA ASP B 67 6.70 20.47 18.27
C ASP B 67 6.96 18.99 18.07
N PHE B 68 7.62 18.62 16.98
CA PHE B 68 7.80 17.19 16.68
C PHE B 68 8.96 16.61 17.48
N ASP B 69 8.81 15.37 17.93
CA ASP B 69 9.91 14.75 18.68
C ASP B 69 11.00 14.28 17.75
N LEU B 70 10.63 14.05 16.49
CA LEU B 70 11.58 13.67 15.49
C LEU B 70 11.04 14.16 14.18
N LEU B 71 11.95 14.61 13.33
CA LEU B 71 11.66 14.97 11.96
C LEU B 71 12.49 14.05 11.08
N VAL B 72 11.85 13.35 10.16
CA VAL B 72 12.58 12.50 9.24
C VAL B 72 12.61 13.16 7.87
N VAL B 73 13.80 13.46 7.39
CA VAL B 73 13.99 14.15 6.09
C VAL B 73 14.29 13.19 4.96
N THR B 74 13.40 13.18 3.98
CA THR B 74 13.41 12.21 2.92
C THR B 74 13.44 12.92 1.56
N VAL B 75 13.66 14.25 1.55
CA VAL B 75 13.65 15.00 0.27
C VAL B 75 14.89 14.73 -0.58
N LYS B 76 14.83 15.03 -1.88
CA LYS B 76 16.00 14.83 -2.73
C LYS B 76 16.89 16.10 -2.64
N GLN B 77 18.11 16.00 -3.16
CA GLN B 77 19.12 17.04 -2.98
C GLN B 77 18.66 18.39 -3.53
N HIS B 78 17.87 18.34 -4.57
CA HIS B 78 17.25 19.52 -5.15
C HIS B 78 16.50 20.31 -4.06
N GLN B 79 15.91 19.58 -3.12
CA GLN B 79 14.99 20.17 -2.16
CA GLN B 79 14.96 20.12 -2.16
C GLN B 79 15.58 20.43 -0.78
N LEU B 80 16.86 20.11 -0.60
CA LEU B 80 17.44 20.17 0.74
C LEU B 80 17.67 21.56 1.34
N GLN B 81 18.17 22.48 0.54
CA GLN B 81 18.45 23.79 1.08
C GLN B 81 17.19 24.46 1.63
N SER B 82 16.06 24.35 0.95
CA SER B 82 14.82 24.92 1.47
C SER B 82 14.42 24.28 2.80
N VAL B 83 14.66 22.99 2.92
CA VAL B 83 14.40 22.31 4.19
C VAL B 83 15.30 22.83 5.32
N PHE B 84 16.59 23.01 5.08
CA PHE B 84 17.44 23.56 6.15
C PHE B 84 16.89 24.87 6.72
N SER B 85 16.42 25.73 5.81
CA SER B 85 15.93 27.06 6.16
C SER B 85 14.70 26.93 7.05
N SER B 86 13.79 26.04 6.68
CA SER B 86 12.60 25.75 7.51
C SER B 86 12.95 25.25 8.89
N LEU B 87 13.97 24.39 8.96
CA LEU B 87 14.36 23.71 10.18
C LEU B 87 15.09 24.70 11.07
N GLU B 88 15.71 25.71 10.46
CA GLU B 88 16.32 26.78 11.22
C GLU B 88 15.30 27.63 11.97
N ARG B 89 14.06 27.61 11.51
CA ARG B 89 13.01 28.43 12.08
C ARG B 89 12.20 27.74 13.18
N ILE B 90 12.66 26.57 13.62
CA ILE B 90 11.93 25.83 14.66
C ILE B 90 12.81 25.55 15.87
N GLY B 91 12.18 25.19 16.99
CA GLY B 91 12.86 24.88 18.22
C GLY B 91 13.64 23.59 18.11
N LYS B 92 14.77 23.54 18.80
CA LYS B 92 15.70 22.43 18.81
C LYS B 92 14.94 21.09 18.89
N THR B 93 15.18 20.19 17.94
CA THR B 93 14.66 18.82 18.07
C THR B 93 15.57 17.81 17.40
N ASN B 94 15.09 16.58 17.19
CA ASN B 94 15.86 15.53 16.53
C ASN B 94 15.56 15.42 15.06
N ILE B 95 16.59 15.38 14.22
CA ILE B 95 16.35 15.31 12.79
C ILE B 95 17.15 14.16 12.20
N LEU B 96 16.47 13.27 11.48
CA LEU B 96 17.09 12.10 10.83
C LEU B 96 17.10 12.25 9.31
N PHE B 97 18.27 12.37 8.70
CA PHE B 97 18.36 12.49 7.22
C PHE B 97 18.56 11.14 6.57
N LEU B 98 17.68 10.77 5.64
CA LEU B 98 17.71 9.43 5.04
C LEU B 98 18.09 9.42 3.54
N GLN B 99 18.63 10.53 3.06
CA GLN B 99 18.95 10.70 1.63
C GLN B 99 19.89 9.63 1.11
N ASN B 100 19.63 9.12 -0.10
CA ASN B 100 20.55 8.15 -0.73
C ASN B 100 21.86 8.83 -1.14
N GLY B 101 22.95 8.06 -1.18
CA GLY B 101 24.27 8.66 -1.40
C GLY B 101 24.77 9.51 -0.25
N MET B 102 25.82 10.29 -0.48
CA MET B 102 26.42 11.11 0.57
C MET B 102 26.61 12.52 0.13
N GLY B 103 25.98 12.88 -0.98
CA GLY B 103 26.06 14.27 -1.46
C GLY B 103 25.68 15.30 -0.40
N HIS B 104 24.67 15.00 0.40
CA HIS B 104 24.19 15.97 1.42
C HIS B 104 25.13 16.16 2.60
N ILE B 105 26.15 15.32 2.70
CA ILE B 105 26.99 15.28 3.90
C ILE B 105 27.91 16.50 4.00
N HIS B 106 28.49 16.91 2.87
CA HIS B 106 29.19 18.21 2.85
C HIS B 106 28.31 19.33 3.47
N ASP B 107 27.09 19.45 2.98
CA ASP B 107 26.09 20.36 3.57
C ASP B 107 25.88 20.15 5.08
N LEU B 108 25.62 18.92 5.51
CA LEU B 108 25.45 18.67 6.96
C LEU B 108 26.66 19.05 7.83
N LYS B 109 27.85 18.69 7.38
CA LYS B 109 29.05 19.01 8.19
C LYS B 109 29.02 20.48 8.65
N ASP B 110 28.78 21.38 7.69
CA ASP B 110 28.72 22.81 8.00
C ASP B 110 27.31 23.40 8.01
N TRP B 111 26.36 22.62 8.52
CA TRP B 111 25.06 23.20 8.90
C TRP B 111 25.05 23.34 10.39
N HIS B 112 25.35 24.52 10.90
CA HIS B 112 25.48 24.66 12.35
C HIS B 112 24.20 25.15 13.02
N VAL B 113 23.54 24.24 13.72
CA VAL B 113 22.24 24.50 14.37
C VAL B 113 22.28 23.83 15.72
N GLY B 114 21.20 23.96 16.50
CA GLY B 114 21.14 23.30 17.81
C GLY B 114 20.40 21.95 17.81
N HIS B 115 19.94 21.53 16.64
CA HIS B 115 19.20 20.27 16.50
C HIS B 115 20.13 19.11 16.79
N SER B 116 19.58 17.97 17.21
CA SER B 116 20.37 16.73 17.25
C SER B 116 20.23 15.99 15.90
N ILE B 117 21.35 15.77 15.23
CA ILE B 117 21.33 15.28 13.88
C ILE B 117 21.67 13.80 13.80
N TYR B 118 20.88 13.07 13.03
CA TYR B 118 21.09 11.64 12.85
C TYR B 118 21.07 11.39 11.37
N VAL B 119 21.87 10.44 10.92
CA VAL B 119 21.85 10.01 9.51
C VAL B 119 21.52 8.53 9.35
N GLY B 120 20.89 8.17 8.24
CA GLY B 120 20.57 6.77 8.02
C GLY B 120 20.48 6.41 6.56
N ILE B 121 20.37 5.12 6.30
CA ILE B 121 20.24 4.61 4.97
C ILE B 121 18.98 3.76 4.90
N VAL B 122 18.34 3.82 3.74
CA VAL B 122 17.06 3.14 3.52
C VAL B 122 17.41 1.99 2.59
N GLU B 123 17.25 0.77 3.07
CA GLU B 123 17.46 -0.40 2.22
C GLU B 123 16.15 -1.02 1.68
N HIS B 124 15.01 -0.43 2.02
CA HIS B 124 13.74 -0.84 1.42
C HIS B 124 13.59 -0.46 -0.04
N GLY B 125 12.71 -1.17 -0.76
CA GLY B 125 12.25 -0.74 -2.06
C GLY B 125 10.82 -0.26 -1.98
N ALA B 126 10.58 0.90 -2.56
CA ALA B 126 9.25 1.53 -2.54
C ALA B 126 8.97 2.29 -3.81
N VAL B 127 7.71 2.25 -4.27
CA VAL B 127 7.26 3.04 -5.41
C VAL B 127 6.02 3.85 -5.05
N ARG B 128 6.08 5.15 -5.22
CA ARG B 128 4.92 5.99 -4.97
C ARG B 128 3.94 5.81 -6.13
N LYS B 129 2.65 5.65 -5.78
CA LYS B 129 1.53 5.47 -6.76
C LYS B 129 0.64 6.68 -6.94
N SER B 130 0.51 7.49 -5.88
CA SER B 130 -0.23 8.75 -5.90
C SER B 130 0.18 9.60 -4.72
N ASP B 131 -0.53 10.70 -4.50
CA ASP B 131 -0.29 11.54 -3.36
C ASP B 131 -0.43 10.86 -2.00
N THR B 132 -1.22 9.79 -1.97
CA THR B 132 -1.46 9.08 -0.71
C THR B 132 -1.06 7.61 -0.71
N ALA B 133 -0.49 7.10 -1.81
CA ALA B 133 -0.28 5.66 -1.93
C ALA B 133 1.13 5.22 -2.30
N VAL B 134 1.62 4.16 -1.66
CA VAL B 134 2.96 3.67 -1.88
C VAL B 134 2.97 2.17 -1.91
N ASP B 135 3.79 1.61 -2.78
CA ASP B 135 3.95 0.16 -2.87
C ASP B 135 5.31 -0.23 -2.28
N HIS B 136 5.28 -1.09 -1.25
CA HIS B 136 6.46 -1.61 -0.55
C HIS B 136 6.99 -2.77 -1.33
N THR B 137 7.78 -2.47 -2.35
CA THR B 137 8.22 -3.48 -3.31
C THR B 137 9.44 -4.28 -2.83
N GLY B 138 10.24 -3.71 -1.93
CA GLY B 138 11.40 -4.46 -1.44
C GLY B 138 11.50 -4.39 0.05
N LEU B 139 11.40 -5.54 0.71
CA LEU B 139 11.33 -5.59 2.16
C LEU B 139 12.73 -5.52 2.76
N GLY B 140 13.12 -4.33 3.19
CA GLY B 140 14.50 -4.12 3.61
C GLY B 140 14.60 -3.69 5.06
N ALA B 141 15.31 -2.59 5.29
CA ALA B 141 15.47 -2.12 6.64
C ALA B 141 15.91 -0.67 6.56
N ILE B 142 15.96 -0.02 7.71
CA ILE B 142 16.60 1.29 7.82
C ILE B 142 17.72 1.14 8.87
N LYS B 143 18.89 1.71 8.63
CA LYS B 143 19.98 1.66 9.62
C LYS B 143 20.38 3.10 9.87
N TRP B 144 20.67 3.45 11.12
CA TRP B 144 20.87 4.86 11.42
C TRP B 144 22.01 5.00 12.43
N SER B 145 22.55 6.20 12.54
CA SER B 145 23.61 6.45 13.48
C SER B 145 23.52 7.91 13.89
N ALA B 146 24.20 8.24 14.98
CA ALA B 146 24.21 9.63 15.43
C ALA B 146 25.25 10.41 14.63
N PHE B 147 24.97 11.69 14.38
CA PHE B 147 25.91 12.52 13.63
C PHE B 147 26.43 13.58 14.61
N ASP B 148 27.70 13.89 14.48
CA ASP B 148 28.30 14.96 15.28
C ASP B 148 27.99 14.82 16.76
N ASP B 149 28.19 13.64 17.31
CA ASP B 149 28.01 13.49 18.75
C ASP B 149 26.59 13.63 19.31
N ALA B 150 25.55 13.64 18.46
CA ALA B 150 24.17 13.56 18.95
C ALA B 150 24.04 12.32 19.82
N GLU B 151 23.10 12.31 20.75
CA GLU B 151 22.91 11.15 21.62
CA GLU B 151 22.89 11.16 21.64
C GLU B 151 21.92 10.16 21.01
N PRO B 152 22.37 8.92 20.79
CA PRO B 152 21.51 7.89 20.19
C PRO B 152 20.27 7.62 20.99
N ASP B 153 20.35 7.76 22.30
CA ASP B 153 19.20 7.39 23.13
C ASP B 153 17.98 8.26 22.87
N ARG B 154 18.16 9.43 22.26
CA ARG B 154 17.00 10.26 21.84
C ARG B 154 16.05 9.53 20.84
N LEU B 155 16.60 8.64 20.02
CA LEU B 155 15.79 7.88 19.05
C LEU B 155 15.46 6.44 19.49
N ASN B 156 16.10 5.94 20.55
CA ASN B 156 15.87 4.55 20.95
C ASN B 156 14.43 4.19 21.32
N ILE B 157 13.79 5.03 22.11
CA ILE B 157 12.43 4.77 22.48
C ILE B 157 11.51 4.81 21.25
N LEU B 158 11.65 5.86 20.42
CA LEU B 158 10.87 5.97 19.19
C LEU B 158 10.99 4.69 18.34
N PHE B 159 12.17 4.08 18.28
CA PHE B 159 12.38 2.98 17.31
C PHE B 159 12.43 1.63 17.97
N GLN B 160 12.09 1.62 19.26
CA GLN B 160 12.19 0.39 20.04
C GLN B 160 11.41 -0.77 19.39
N HIS B 161 10.18 -0.46 18.97
CA HIS B 161 9.30 -1.49 18.46
C HIS B 161 8.88 -1.08 17.08
N ASN B 162 8.97 -2.02 16.15
CA ASN B 162 8.56 -1.81 14.79
C ASN B 162 7.92 -3.05 14.23
N HIS B 163 7.20 -2.86 13.13
CA HIS B 163 6.67 -3.97 12.37
C HIS B 163 7.80 -4.84 11.88
N SER B 164 7.57 -6.15 11.79
CA SER B 164 8.63 -7.01 11.30
C SER B 164 9.08 -6.69 9.87
N ASP B 165 8.27 -6.00 9.08
CA ASP B 165 8.70 -5.60 7.74
C ASP B 165 9.36 -4.21 7.70
N PHE B 166 9.51 -3.57 8.85
CA PHE B 166 10.11 -2.23 8.92
C PHE B 166 11.19 -2.24 10.01
N PRO B 167 12.13 -3.17 9.92
CA PRO B 167 12.98 -3.19 11.10
C PRO B 167 13.96 -2.00 11.06
N ILE B 168 14.43 -1.57 12.24
CA ILE B 168 15.29 -0.37 12.34
C ILE B 168 16.52 -0.72 13.18
N TYR B 169 17.72 -0.58 12.60
CA TYR B 169 18.93 -0.98 13.31
C TYR B 169 19.82 0.23 13.58
N TYR B 170 20.38 0.34 14.79
CA TYR B 170 21.35 1.38 15.11
C TYR B 170 22.79 0.90 14.86
N GLU B 171 23.67 1.77 14.35
CA GLU B 171 25.11 1.44 14.24
C GLU B 171 25.89 2.60 14.88
N THR B 172 27.00 2.33 15.56
CA THR B 172 27.71 3.38 16.28
CA THR B 172 27.71 3.40 16.28
C THR B 172 28.42 4.37 15.36
N ASP B 173 28.96 3.88 14.26
CA ASP B 173 29.86 4.72 13.44
C ASP B 173 29.15 5.20 12.17
N TRP B 174 28.75 6.47 12.12
CA TRP B 174 27.91 6.95 10.98
C TRP B 174 28.75 6.94 9.72
N TYR B 175 30.04 7.23 9.84
CA TYR B 175 30.87 7.35 8.63
C TYR B 175 31.02 5.98 7.98
N ARG B 176 31.27 4.94 8.79
CA ARG B 176 31.36 3.56 8.30
CA ARG B 176 31.36 3.57 8.29
C ARG B 176 30.03 3.15 7.69
N LEU B 177 28.93 3.52 8.36
CA LEU B 177 27.57 3.21 7.88
C LEU B 177 27.35 3.75 6.45
N LEU B 178 27.51 5.06 6.28
CA LEU B 178 27.24 5.66 4.98
C LEU B 178 28.24 5.25 3.89
N THR B 179 29.55 5.19 4.21
CA THR B 179 30.53 4.77 3.20
C THR B 179 30.48 3.27 2.86
N GLY B 180 30.00 2.44 3.77
CA GLY B 180 29.88 1.02 3.44
C GLY B 180 28.85 0.85 2.33
N LYS B 181 27.80 1.65 2.36
CA LYS B 181 26.76 1.57 1.33
C LYS B 181 27.23 2.29 0.07
N LEU B 182 27.76 3.50 0.26
CA LEU B 182 28.27 4.26 -0.89
C LEU B 182 29.30 3.50 -1.75
N ILE B 183 30.24 2.79 -1.13
CA ILE B 183 31.31 2.11 -1.93
C ILE B 183 30.72 1.04 -2.84
N VAL B 184 29.75 0.33 -2.32
CA VAL B 184 29.03 -0.66 -3.09
C VAL B 184 28.29 -0.04 -4.29
N ASN B 185 27.54 1.03 -4.04
CA ASN B 185 26.69 1.60 -5.07
C ASN B 185 27.55 2.25 -6.14
N ALA B 186 28.60 2.93 -5.70
CA ALA B 186 29.56 3.53 -6.65
C ALA B 186 30.23 2.53 -7.59
N CYS B 187 30.59 1.34 -7.08
CA CYS B 187 31.28 0.34 -7.92
C CYS B 187 30.36 -0.42 -8.87
N ILE B 188 29.12 -0.60 -8.45
CA ILE B 188 28.15 -1.41 -9.17
C ILE B 188 27.25 -0.58 -10.09
N ASN B 189 26.63 0.46 -9.57
CA ASN B 189 25.55 1.11 -10.29
C ASN B 189 25.94 1.75 -11.63
N PRO B 190 27.04 2.54 -11.66
CA PRO B 190 27.45 3.13 -12.94
C PRO B 190 27.80 2.13 -14.04
N LEU B 191 28.55 1.10 -13.66
CA LEU B 191 28.93 0.08 -14.59
C LEU B 191 27.76 -0.67 -15.21
N THR B 192 26.81 -1.13 -14.38
CA THR B 192 25.65 -1.86 -14.90
C THR B 192 24.79 -0.93 -15.76
N ALA B 193 24.76 0.35 -15.41
CA ALA B 193 23.99 1.32 -16.20
C ALA B 193 24.58 1.51 -17.60
N LEU B 194 25.91 1.57 -17.68
CA LEU B 194 26.54 1.78 -18.98
C LEU B 194 26.65 0.48 -19.76
N LEU B 195 27.00 -0.62 -19.09
CA LEU B 195 27.11 -1.92 -19.75
C LEU B 195 25.73 -2.60 -20.01
N GLN B 196 24.71 -2.15 -19.28
CA GLN B 196 23.37 -2.71 -19.36
C GLN B 196 23.43 -4.23 -19.12
N VAL B 197 24.05 -4.63 -18.01
CA VAL B 197 24.14 -6.04 -17.61
C VAL B 197 23.62 -6.16 -16.17
N LYS B 198 23.30 -7.39 -15.77
CA LYS B 198 22.99 -7.72 -14.38
C LYS B 198 24.24 -7.59 -13.50
N ASN B 199 24.04 -7.27 -12.22
CA ASN B 199 25.14 -7.18 -11.27
C ASN B 199 26.08 -8.34 -11.41
N GLY B 200 25.55 -9.54 -11.66
CA GLY B 200 26.36 -10.75 -11.70
C GLY B 200 27.41 -10.83 -12.82
N GLU B 201 27.10 -10.25 -13.97
CA GLU B 201 28.06 -10.20 -15.08
C GLU B 201 29.27 -9.34 -14.81
N LEU B 202 29.21 -8.45 -13.82
CA LEU B 202 30.40 -7.71 -13.43
C LEU B 202 31.43 -8.66 -12.81
N LEU B 203 30.97 -9.75 -12.19
CA LEU B 203 31.92 -10.72 -11.60
C LEU B 203 32.46 -11.75 -12.59
N THR B 204 31.63 -12.10 -13.56
CA THR B 204 31.86 -13.23 -14.46
C THR B 204 32.59 -12.87 -15.76
N THR B 205 32.63 -11.58 -16.07
CA THR B 205 33.46 -11.07 -17.18
C THR B 205 34.75 -10.51 -16.63
N PRO B 206 35.87 -11.19 -16.89
CA PRO B 206 37.07 -10.71 -16.26
C PRO B 206 37.35 -9.24 -16.50
N ALA B 207 37.09 -8.74 -17.70
CA ALA B 207 37.40 -7.33 -17.97
C ALA B 207 36.51 -6.39 -17.16
N TYR B 208 35.26 -6.76 -16.96
CA TYR B 208 34.35 -5.89 -16.20
C TYR B 208 34.76 -5.87 -14.72
N LEU B 209 35.06 -7.04 -14.17
CA LEU B 209 35.58 -7.09 -12.79
C LEU B 209 36.82 -6.22 -12.62
N ALA B 210 37.75 -6.30 -13.57
CA ALA B 210 38.97 -5.48 -13.50
C ALA B 210 38.69 -3.98 -13.52
N PHE B 211 37.74 -3.56 -14.35
CA PHE B 211 37.32 -2.16 -14.39
C PHE B 211 36.68 -1.77 -13.09
N MET B 212 35.78 -2.60 -12.56
CA MET B 212 35.17 -2.28 -11.23
C MET B 212 36.28 -2.11 -10.14
N LYS B 213 37.31 -2.93 -10.21
CA LYS B 213 38.45 -2.82 -9.28
C LYS B 213 39.19 -1.49 -9.41
N LEU B 214 39.38 -1.02 -10.65
CA LEU B 214 39.94 0.32 -10.82
C LEU B 214 39.09 1.38 -10.18
N VAL B 215 37.77 1.30 -10.35
CA VAL B 215 36.85 2.26 -9.78
C VAL B 215 36.96 2.13 -8.26
N PHE B 216 36.94 0.89 -7.78
CA PHE B 216 36.98 0.62 -6.33
C PHE B 216 38.20 1.26 -5.70
N GLN B 217 39.35 0.99 -6.32
CA GLN B 217 40.62 1.49 -5.81
C GLN B 217 40.61 3.00 -5.73
N GLU B 218 40.06 3.68 -6.74
CA GLU B 218 39.85 5.14 -6.62
C GLU B 218 38.94 5.55 -5.48
N ALA B 219 37.76 4.93 -5.41
CA ALA B 219 36.77 5.36 -4.42
C ALA B 219 37.21 4.99 -2.99
N CYS B 220 37.82 3.82 -2.85
CA CYS B 220 38.27 3.36 -1.52
C CYS B 220 39.30 4.36 -0.96
N ARG B 221 40.15 4.88 -1.83
CA ARG B 221 41.16 5.84 -1.43
C ARG B 221 40.50 7.17 -1.06
N ILE B 222 39.59 7.62 -1.91
CA ILE B 222 38.88 8.87 -1.63
C ILE B 222 38.12 8.83 -0.29
N LEU B 223 37.51 7.69 0.02
CA LEU B 223 36.63 7.60 1.18
C LEU B 223 37.44 7.28 2.42
N LYS B 224 38.71 6.94 2.17
CA LYS B 224 39.66 6.62 3.22
C LYS B 224 39.16 5.44 4.02
N LEU B 225 38.73 4.38 3.34
CA LEU B 225 38.20 3.21 4.03
C LEU B 225 39.27 2.47 4.84
N GLU B 226 38.87 1.93 5.99
CA GLU B 226 39.83 1.30 6.90
C GLU B 226 40.55 0.08 6.33
N ASN B 227 39.82 -0.91 5.81
CA ASN B 227 40.47 -2.14 5.34
C ASN B 227 40.19 -2.34 3.85
N GLU B 228 41.12 -1.91 3.01
CA GLU B 228 40.88 -1.96 1.56
C GLU B 228 40.44 -3.35 1.11
N GLU B 229 41.29 -4.35 1.32
CA GLU B 229 40.98 -5.74 0.90
C GLU B 229 39.65 -6.28 1.42
N LYS B 230 39.29 -5.96 2.65
CA LYS B 230 38.01 -6.41 3.19
C LYS B 230 36.84 -5.73 2.44
N ALA B 231 37.00 -4.44 2.18
CA ALA B 231 35.96 -3.65 1.50
C ALA B 231 35.72 -4.17 0.08
N TRP B 232 36.78 -4.63 -0.58
CA TRP B 232 36.73 -5.09 -1.95
C TRP B 232 36.08 -6.43 -1.98
N GLU B 233 36.36 -7.22 -0.94
CA GLU B 233 35.65 -8.49 -0.78
C GLU B 233 34.17 -8.25 -0.65
N ARG B 234 33.82 -7.22 0.10
CA ARG B 234 32.43 -6.92 0.36
C ARG B 234 31.71 -6.45 -0.91
N VAL B 235 32.36 -5.56 -1.66
CA VAL B 235 31.78 -5.12 -2.91
C VAL B 235 31.47 -6.29 -3.80
N GLN B 236 32.42 -7.22 -3.94
CA GLN B 236 32.20 -8.39 -4.79
C GLN B 236 31.15 -9.34 -4.21
N ALA B 237 31.16 -9.47 -2.88
CA ALA B 237 30.16 -10.27 -2.19
C ALA B 237 28.77 -9.65 -2.32
N VAL B 238 28.64 -8.33 -2.13
CA VAL B 238 27.31 -7.74 -2.32
C VAL B 238 26.89 -7.89 -3.77
N CYS B 239 27.85 -7.91 -4.68
CA CYS B 239 27.57 -8.11 -6.09
C CYS B 239 27.03 -9.52 -6.38
N GLY B 240 27.62 -10.52 -5.73
CA GLY B 240 27.23 -11.91 -5.97
C GLY B 240 25.86 -12.23 -5.37
N GLN B 241 25.53 -11.54 -4.29
CA GLN B 241 24.25 -11.68 -3.61
C GLN B 241 23.09 -11.03 -4.35
N THR B 242 23.37 -9.90 -5.01
CA THR B 242 22.39 -9.22 -5.88
C THR B 242 22.60 -9.56 -7.36
N LYS B 243 23.14 -10.73 -7.65
CA LYS B 243 23.68 -11.02 -8.97
C LYS B 243 22.68 -10.98 -10.14
N GLU B 244 21.41 -11.16 -9.81
CA GLU B 244 20.34 -11.16 -10.81
C GLU B 244 19.70 -9.79 -10.98
N ASN B 245 20.06 -8.85 -10.13
CA ASN B 245 19.44 -7.53 -10.19
C ASN B 245 20.03 -6.63 -11.29
N ARG B 246 19.13 -5.93 -11.95
CA ARG B 246 19.49 -4.78 -12.74
C ARG B 246 19.58 -3.71 -11.67
N SER B 247 20.73 -3.07 -11.55
CA SER B 247 20.96 -2.13 -10.46
C SER B 247 19.94 -0.98 -10.57
N SER B 248 19.81 -0.19 -9.51
CA SER B 248 18.83 0.92 -9.51
C SER B 248 19.10 1.95 -10.61
N MET B 249 20.38 2.27 -10.81
CA MET B 249 20.80 3.23 -11.85
C MET B 249 20.58 2.68 -13.28
N LEU B 250 20.93 1.41 -13.51
CA LEU B 250 20.58 0.72 -14.76
C LEU B 250 19.08 0.84 -14.99
N VAL B 251 18.31 0.54 -13.95
CA VAL B 251 16.85 0.68 -14.05
C VAL B 251 16.39 2.11 -14.38
N ASP B 252 16.90 3.11 -13.65
CA ASP B 252 16.65 4.51 -14.01
C ASP B 252 17.01 4.78 -15.47
N VAL B 253 18.12 4.20 -15.91
CA VAL B 253 18.62 4.38 -17.27
C VAL B 253 17.67 3.94 -18.40
N ILE B 254 17.25 2.67 -18.38
CA ILE B 254 16.19 2.22 -19.28
C ILE B 254 14.85 2.70 -18.74
N GLY B 255 14.48 3.92 -19.07
CA GLY B 255 13.28 4.51 -18.49
C GLY B 255 13.53 5.99 -18.37
N GLY B 256 14.72 6.40 -18.80
CA GLY B 256 15.06 7.80 -18.94
C GLY B 256 14.69 8.65 -17.76
N ARG B 257 14.91 8.13 -16.55
CA ARG B 257 14.76 8.90 -15.32
C ARG B 257 16.12 9.43 -14.87
N GLN B 258 16.16 10.61 -14.24
CA GLN B 258 17.45 11.09 -13.76
C GLN B 258 17.99 10.15 -12.66
N THR B 259 19.30 10.11 -12.50
CA THR B 259 19.97 9.12 -11.65
C THR B 259 20.54 9.70 -10.35
N GLU B 260 21.14 8.82 -9.55
CA GLU B 260 21.87 9.22 -8.34
C GLU B 260 23.34 9.54 -8.62
N ALA B 261 23.62 9.91 -9.87
CA ALA B 261 25.00 10.14 -10.29
C ALA B 261 25.58 11.26 -9.43
N ASP B 262 24.85 12.36 -9.29
CA ASP B 262 25.32 13.46 -8.42
C ASP B 262 25.53 13.02 -6.97
N ALA B 263 24.57 12.27 -6.42
CA ALA B 263 24.61 11.95 -4.99
C ALA B 263 25.70 10.93 -4.65
N ILE B 264 26.05 10.10 -5.63
CA ILE B 264 26.97 9.03 -5.43
C ILE B 264 28.33 9.42 -5.97
N ILE B 265 28.41 9.60 -7.28
CA ILE B 265 29.72 9.83 -7.90
C ILE B 265 30.19 11.27 -7.70
N GLY B 266 29.27 12.21 -7.89
CA GLY B 266 29.52 13.62 -7.62
C GLY B 266 30.15 13.82 -6.25
N TYR B 267 29.71 13.07 -5.27
CA TYR B 267 30.31 13.17 -3.94
C TYR B 267 31.79 12.74 -3.92
N LEU B 268 32.09 11.66 -4.63
CA LEU B 268 33.44 11.17 -4.66
C LEU B 268 34.36 12.18 -5.39
N LEU B 269 33.81 12.81 -6.44
CA LEU B 269 34.56 13.77 -7.26
C LEU B 269 34.93 15.01 -6.44
N LYS B 270 33.98 15.51 -5.66
CA LYS B 270 34.25 16.66 -4.80
C LYS B 270 35.29 16.33 -3.74
N GLU B 271 35.19 15.16 -3.14
CA GLU B 271 36.17 14.76 -2.15
C GLU B 271 37.55 14.46 -2.76
N ALA B 272 37.57 13.94 -3.99
CA ALA B 272 38.84 13.66 -4.64
C ALA B 272 39.56 14.98 -4.92
N SER B 273 38.79 15.98 -5.36
CA SER B 273 39.31 17.29 -5.67
C SER B 273 39.94 17.90 -4.42
N LEU B 274 39.21 17.89 -3.32
CA LEU B 274 39.72 18.42 -2.05
C LEU B 274 40.98 17.75 -1.53
N GLN B 275 41.11 16.44 -1.67
CA GLN B 275 42.33 15.77 -1.22
C GLN B 275 43.39 15.74 -2.34
N GLY B 276 43.08 16.38 -3.47
CA GLY B 276 43.96 16.33 -4.64
C GLY B 276 44.15 14.92 -5.14
N LEU B 277 43.08 14.12 -5.07
CA LEU B 277 43.15 12.72 -5.47
C LEU B 277 42.76 12.55 -6.94
N ASP B 278 43.33 11.55 -7.59
CA ASP B 278 42.96 11.24 -8.97
C ASP B 278 41.68 10.43 -8.94
N ALA B 279 40.78 10.72 -9.88
CA ALA B 279 39.53 10.00 -10.00
C ALA B 279 39.14 9.91 -11.47
N VAL B 280 40.10 9.48 -12.28
CA VAL B 280 39.92 9.32 -13.74
C VAL B 280 38.69 8.45 -14.12
N HIS B 281 38.63 7.24 -13.58
CA HIS B 281 37.52 6.35 -13.91
C HIS B 281 36.21 6.86 -13.38
N LEU B 282 36.22 7.38 -12.15
CA LEU B 282 34.99 7.98 -11.61
C LEU B 282 34.50 9.15 -12.48
N GLU B 283 35.41 10.03 -12.88
CA GLU B 283 35.00 11.17 -13.73
C GLU B 283 34.44 10.74 -15.10
N PHE B 284 35.03 9.72 -15.72
CA PHE B 284 34.52 9.16 -16.98
C PHE B 284 33.08 8.60 -16.83
N LEU B 285 32.89 7.76 -15.83
CA LEU B 285 31.57 7.28 -15.47
C LEU B 285 30.61 8.43 -15.17
N TYR B 286 31.05 9.41 -14.38
CA TYR B 286 30.19 10.57 -14.13
C TYR B 286 29.76 11.24 -15.43
N GLY B 287 30.73 11.57 -16.29
CA GLY B 287 30.45 12.22 -17.59
C GLY B 287 29.50 11.40 -18.47
N SER B 288 29.75 10.09 -18.55
CA SER B 288 28.95 9.15 -19.34
C SER B 288 27.47 8.99 -18.84
N ILE B 289 27.26 8.95 -17.52
CA ILE B 289 25.90 8.85 -16.97
C ILE B 289 25.19 10.22 -17.08
N LYS B 290 25.90 11.32 -16.79
CA LYS B 290 25.29 12.67 -16.96
C LYS B 290 24.82 12.89 -18.41
N ALA B 291 25.51 12.27 -19.37
CA ALA B 291 25.15 12.44 -20.78
C ALA B 291 23.83 11.77 -21.09
N LEU B 292 23.61 10.60 -20.50
CA LEU B 292 22.38 9.83 -20.71
C LEU B 292 21.16 10.52 -20.14
N GLU B 293 21.39 11.30 -19.09
CA GLU B 293 20.34 12.10 -18.49
C GLU B 293 19.95 13.23 -19.41
#